data_1PSQ
#
_entry.id   1PSQ
#
_cell.length_a   102.005
_cell.length_b   49.897
_cell.length_c   81.660
_cell.angle_alpha   90.00
_cell.angle_beta   116.85
_cell.angle_gamma   90.00
#
_symmetry.space_group_name_H-M   'C 1 2 1'
#
loop_
_entity.id
_entity.type
_entity.pdbx_description
1 polymer 'probable thiol peroxidase'
2 water water
#
_entity_poly.entity_id   1
_entity_poly.type   'polypeptide(L)'
_entity_poly.pdbx_seq_one_letter_code
;(MSE)VTFLGNPVSFTGKQLQVGDKALDFSLTTTDLSKKSLADFDGKKKVLSVVPSIDTGICSTQTRRFNEELAGLDNTV
VLTVS(MSE)DLPFAQKRWCGAEGLDNAI(MSE)LSDYFDHSFGRDYALLINEWHLLARAVFVLDTDNTIRYVEYVDNIN
SEPNFEAAIAAAKAL
;
_entity_poly.pdbx_strand_id   A,B
#
# COMPACT_ATOMS: atom_id res chain seq x y z
N VAL A 2 2.13 -23.03 -2.52
CA VAL A 2 1.30 -21.97 -3.05
C VAL A 2 2.16 -21.28 -4.10
N THR A 3 1.54 -20.72 -5.12
CA THR A 3 2.32 -20.08 -6.16
C THR A 3 1.87 -18.63 -6.41
N PHE A 4 2.81 -17.78 -6.82
CA PHE A 4 2.50 -16.39 -7.12
C PHE A 4 3.45 -15.90 -8.18
N LEU A 5 2.88 -15.44 -9.29
CA LEU A 5 3.66 -14.95 -10.41
C LEU A 5 4.54 -16.06 -10.98
N GLY A 6 3.95 -17.26 -11.11
CA GLY A 6 4.68 -18.39 -11.64
C GLY A 6 5.77 -18.95 -10.76
N ASN A 7 5.74 -18.63 -9.47
CA ASN A 7 6.74 -19.15 -8.54
C ASN A 7 6.21 -19.49 -7.17
N PRO A 8 6.70 -20.59 -6.60
CA PRO A 8 6.23 -20.98 -5.28
C PRO A 8 6.64 -19.97 -4.22
N VAL A 9 5.69 -19.66 -3.34
CA VAL A 9 5.91 -18.72 -2.26
C VAL A 9 5.72 -19.46 -0.94
N SER A 10 6.25 -18.89 0.13
CA SER A 10 6.14 -19.50 1.44
C SER A 10 5.55 -18.54 2.46
N PHE A 11 5.29 -19.07 3.65
CA PHE A 11 4.74 -18.28 4.72
C PHE A 11 5.42 -18.68 6.01
N THR A 12 4.99 -18.02 7.08
CA THR A 12 5.55 -18.26 8.41
C THR A 12 4.46 -18.56 9.43
N GLY A 13 4.64 -19.68 10.14
CA GLY A 13 3.66 -20.09 11.14
C GLY A 13 2.56 -20.91 10.48
N LYS A 14 1.57 -21.35 11.26
CA LYS A 14 0.48 -22.14 10.74
C LYS A 14 -0.75 -21.29 10.39
N GLN A 15 -1.50 -21.73 9.38
CA GLN A 15 -2.70 -21.01 8.94
C GLN A 15 -3.95 -21.61 9.58
N LEU A 16 -4.90 -20.74 9.95
CA LEU A 16 -6.14 -21.20 10.58
C LEU A 16 -6.87 -22.17 9.65
N GLN A 17 -7.58 -23.12 10.24
CA GLN A 17 -8.32 -24.13 9.48
C GLN A 17 -9.75 -24.22 9.98
N VAL A 18 -10.58 -24.99 9.28
CA VAL A 18 -11.97 -25.16 9.73
C VAL A 18 -11.97 -25.66 11.16
N GLY A 19 -12.74 -24.99 12.02
CA GLY A 19 -12.80 -25.38 13.42
C GLY A 19 -12.08 -24.39 14.31
N ASP A 20 -10.97 -23.84 13.81
CA ASP A 20 -10.19 -22.86 14.56
C ASP A 20 -10.97 -21.57 14.68
N LYS A 21 -10.58 -20.77 15.65
CA LYS A 21 -11.23 -19.49 15.87
C LYS A 21 -10.45 -18.40 15.14
N ALA A 22 -11.17 -17.53 14.44
CA ALA A 22 -10.57 -16.43 13.69
C ALA A 22 -9.83 -15.47 14.63
N LEU A 23 -8.58 -15.16 14.30
CA LEU A 23 -7.77 -14.25 15.10
C LEU A 23 -8.25 -12.81 14.97
N ASP A 24 -8.26 -12.08 16.08
CA ASP A 24 -8.69 -10.69 16.06
C ASP A 24 -7.68 -9.89 15.25
N PHE A 25 -8.01 -8.65 14.96
CA PHE A 25 -7.15 -7.78 14.18
C PHE A 25 -7.51 -6.33 14.36
N SER A 26 -6.63 -5.45 13.89
CA SER A 26 -6.84 -4.02 13.96
C SER A 26 -6.42 -3.51 12.59
N LEU A 27 -7.40 -3.24 11.74
CA LEU A 27 -7.13 -2.77 10.40
C LEU A 27 -7.73 -1.39 10.15
N THR A 28 -7.10 -0.64 9.26
CA THR A 28 -7.51 0.71 8.90
C THR A 28 -8.54 0.66 7.80
N THR A 29 -9.68 1.29 8.05
CA THR A 29 -10.75 1.29 7.07
C THR A 29 -10.53 2.40 6.04
N THR A 30 -11.48 2.54 5.12
CA THR A 30 -11.36 3.50 4.04
C THR A 30 -11.44 4.97 4.48
N ASP A 31 -11.90 5.22 5.70
CA ASP A 31 -11.95 6.59 6.19
C ASP A 31 -10.87 6.80 7.24
N LEU A 32 -9.84 5.97 7.15
CA LEU A 32 -8.69 6.03 8.04
C LEU A 32 -8.93 5.61 9.48
N SER A 33 -10.16 5.23 9.82
CA SER A 33 -10.46 4.80 11.18
C SER A 33 -10.13 3.31 11.29
N LYS A 34 -9.88 2.85 12.52
CA LYS A 34 -9.52 1.45 12.73
C LYS A 34 -10.72 0.53 12.97
N LYS A 35 -10.57 -0.75 12.61
CA LYS A 35 -11.60 -1.76 12.77
C LYS A 35 -11.01 -3.04 13.36
N SER A 36 -11.77 -3.71 14.21
CA SER A 36 -11.33 -4.96 14.80
C SER A 36 -12.49 -5.95 14.68
N LEU A 37 -12.24 -7.19 15.07
CA LEU A 37 -13.26 -8.22 14.98
C LEU A 37 -14.50 -7.82 15.78
N ALA A 38 -14.32 -7.18 16.93
CA ALA A 38 -15.46 -6.77 17.76
C ALA A 38 -16.49 -5.96 16.98
N ASP A 39 -16.03 -5.00 16.19
CA ASP A 39 -16.92 -4.16 15.41
C ASP A 39 -17.92 -4.95 14.59
N PHE A 40 -17.68 -6.26 14.49
CA PHE A 40 -18.54 -7.11 13.70
C PHE A 40 -19.23 -8.22 14.50
N ASP A 41 -19.21 -8.11 15.82
CA ASP A 41 -19.86 -9.11 16.65
C ASP A 41 -21.34 -9.17 16.31
N GLY A 42 -21.96 -10.33 16.56
CA GLY A 42 -23.36 -10.49 16.27
C GLY A 42 -23.61 -10.69 14.79
N LYS A 43 -22.53 -10.90 14.02
CA LYS A 43 -22.69 -11.10 12.59
C LYS A 43 -21.84 -12.26 12.09
N LYS A 44 -22.24 -12.84 10.96
CA LYS A 44 -21.45 -13.91 10.37
C LYS A 44 -20.61 -13.15 9.37
N LYS A 45 -19.40 -13.63 9.11
CA LYS A 45 -18.50 -12.94 8.18
C LYS A 45 -17.88 -13.80 7.10
N VAL A 46 -17.67 -13.19 5.94
CA VAL A 46 -17.01 -13.83 4.83
C VAL A 46 -15.72 -13.03 4.70
N LEU A 47 -14.63 -13.59 5.22
CA LEU A 47 -13.32 -12.93 5.17
C LEU A 47 -12.67 -13.23 3.83
N SER A 48 -12.55 -12.21 2.99
CA SER A 48 -11.95 -12.39 1.67
C SER A 48 -10.61 -11.65 1.64
N VAL A 49 -9.52 -12.39 1.36
CA VAL A 49 -8.17 -11.80 1.30
C VAL A 49 -7.59 -11.79 -0.12
N VAL A 50 -7.09 -10.63 -0.54
CA VAL A 50 -6.52 -10.50 -1.88
C VAL A 50 -5.17 -9.76 -1.91
N PRO A 51 -4.32 -10.09 -2.89
CA PRO A 51 -3.00 -9.46 -3.04
C PRO A 51 -3.12 -7.93 -3.20
N SER A 52 -4.01 -7.50 -4.08
CA SER A 52 -4.26 -6.08 -4.33
C SER A 52 -5.44 -5.90 -5.26
N ILE A 53 -6.39 -5.08 -4.83
CA ILE A 53 -7.56 -4.79 -5.64
C ILE A 53 -7.22 -3.95 -6.84
N ASP A 54 -5.93 -3.66 -7.03
CA ASP A 54 -5.50 -2.87 -8.17
C ASP A 54 -5.13 -3.83 -9.30
N THR A 55 -5.50 -5.10 -9.15
CA THR A 55 -5.24 -6.12 -10.17
C THR A 55 -6.55 -6.86 -10.46
N GLY A 56 -6.68 -7.34 -11.71
CA GLY A 56 -7.87 -8.02 -12.16
C GLY A 56 -8.59 -9.06 -11.33
N ILE A 57 -7.92 -10.16 -11.01
CA ILE A 57 -8.57 -11.20 -10.24
C ILE A 57 -8.99 -10.68 -8.87
N CYS A 58 -8.14 -9.90 -8.23
CA CYS A 58 -8.48 -9.37 -6.91
C CYS A 58 -9.68 -8.41 -6.92
N SER A 59 -9.81 -7.64 -8.00
CA SER A 59 -10.91 -6.70 -8.12
C SER A 59 -12.24 -7.43 -8.31
N THR A 60 -12.23 -8.47 -9.15
CA THR A 60 -13.43 -9.27 -9.44
C THR A 60 -13.90 -10.02 -8.21
N GLN A 61 -12.94 -10.56 -7.46
CA GLN A 61 -13.24 -11.30 -6.26
C GLN A 61 -14.04 -10.43 -5.30
N THR A 62 -13.49 -9.25 -5.02
CA THR A 62 -14.11 -8.29 -4.10
C THR A 62 -15.49 -7.81 -4.57
N ARG A 63 -15.58 -7.44 -5.84
CA ARG A 63 -16.82 -6.97 -6.44
C ARG A 63 -17.88 -8.07 -6.35
N ARG A 64 -17.58 -9.20 -6.97
CA ARG A 64 -18.49 -10.34 -6.99
C ARG A 64 -18.95 -10.82 -5.61
N PHE A 65 -18.04 -10.93 -4.65
CA PHE A 65 -18.43 -11.36 -3.31
C PHE A 65 -19.39 -10.40 -2.63
N ASN A 66 -19.11 -9.10 -2.73
CA ASN A 66 -19.96 -8.08 -2.13
C ASN A 66 -21.35 -8.11 -2.77
N GLU A 67 -21.41 -8.29 -4.08
CA GLU A 67 -22.69 -8.34 -4.76
C GLU A 67 -23.47 -9.61 -4.44
N GLU A 68 -22.86 -10.75 -4.72
CA GLU A 68 -23.51 -12.03 -4.51
C GLU A 68 -23.81 -12.42 -3.06
N LEU A 69 -23.41 -11.58 -2.12
CA LEU A 69 -23.71 -11.88 -0.73
C LEU A 69 -24.40 -10.69 -0.07
N ALA A 70 -24.70 -9.67 -0.87
CA ALA A 70 -25.35 -8.48 -0.34
C ALA A 70 -26.74 -8.81 0.20
N GLY A 71 -27.42 -9.74 -0.45
CA GLY A 71 -28.76 -10.13 -0.02
C GLY A 71 -28.78 -11.09 1.15
N LEU A 72 -27.66 -11.19 1.88
CA LEU A 72 -27.57 -12.10 3.02
C LEU A 72 -27.60 -11.39 4.37
N ASP A 73 -28.67 -11.61 5.12
CA ASP A 73 -28.84 -10.98 6.43
C ASP A 73 -27.92 -11.57 7.49
N ASN A 74 -27.58 -10.76 8.49
CA ASN A 74 -26.71 -11.20 9.59
C ASN A 74 -25.30 -11.57 9.12
N THR A 75 -25.00 -11.31 7.85
CA THR A 75 -23.69 -11.64 7.28
C THR A 75 -22.99 -10.42 6.67
N VAL A 76 -21.70 -10.28 6.97
CA VAL A 76 -20.94 -9.15 6.46
C VAL A 76 -19.73 -9.60 5.65
N VAL A 77 -19.40 -8.83 4.61
CA VAL A 77 -18.26 -9.17 3.77
C VAL A 77 -17.04 -8.27 3.95
N LEU A 78 -16.02 -8.82 4.60
CA LEU A 78 -14.78 -8.10 4.86
C LEU A 78 -13.68 -8.43 3.83
N THR A 79 -13.13 -7.39 3.21
CA THR A 79 -12.06 -7.56 2.24
C THR A 79 -10.79 -7.04 2.91
N VAL A 80 -9.74 -7.84 2.86
CA VAL A 80 -8.49 -7.44 3.48
C VAL A 80 -7.39 -7.55 2.43
N SER A 81 -6.65 -6.47 2.25
CA SER A 81 -5.54 -6.48 1.31
C SER A 81 -4.45 -5.56 1.83
N ASP A 83 -3.33 -3.02 -0.05
CA ASP A 83 -3.50 -1.74 -0.70
C ASP A 83 -3.66 -0.67 0.36
N LEU A 84 -3.25 0.57 0.06
CA LEU A 84 -3.42 1.59 1.07
C LEU A 84 -4.90 1.92 1.11
N PRO A 85 -5.37 2.46 2.25
CA PRO A 85 -6.77 2.82 2.40
C PRO A 85 -7.24 3.66 1.21
N PHE A 86 -6.35 4.52 0.72
CA PHE A 86 -6.66 5.40 -0.40
C PHE A 86 -6.93 4.62 -1.69
N ALA A 87 -6.25 3.49 -1.87
CA ALA A 87 -6.44 2.65 -3.05
C ALA A 87 -7.79 1.94 -2.99
N GLN A 88 -8.12 1.44 -1.81
CA GLN A 88 -9.40 0.76 -1.63
C GLN A 88 -10.54 1.75 -1.78
N LYS A 89 -10.33 2.98 -1.32
CA LYS A 89 -11.35 4.01 -1.41
C LYS A 89 -11.61 4.32 -2.89
N ARG A 90 -10.54 4.55 -3.65
CA ARG A 90 -10.68 4.83 -5.07
C ARG A 90 -11.46 3.70 -5.74
N TRP A 91 -11.11 2.47 -5.37
CA TRP A 91 -11.77 1.30 -5.92
C TRP A 91 -13.29 1.36 -5.72
N CYS A 92 -13.71 1.45 -4.46
CA CYS A 92 -15.12 1.53 -4.12
C CYS A 92 -15.81 2.55 -5.02
N GLY A 93 -15.25 3.76 -5.08
CA GLY A 93 -15.83 4.79 -5.91
C GLY A 93 -15.97 4.39 -7.38
N ALA A 94 -14.92 3.84 -7.95
CA ALA A 94 -14.96 3.41 -9.36
C ALA A 94 -15.99 2.31 -9.58
N GLU A 95 -16.08 1.38 -8.64
CA GLU A 95 -17.04 0.25 -8.71
C GLU A 95 -18.44 0.60 -8.21
N GLY A 96 -18.63 1.80 -7.67
CA GLY A 96 -19.94 2.16 -7.15
C GLY A 96 -20.32 1.36 -5.91
N LEU A 97 -19.31 0.90 -5.17
CA LEU A 97 -19.49 0.13 -3.94
C LEU A 97 -18.91 0.89 -2.75
N ASP A 98 -19.29 2.14 -2.62
CA ASP A 98 -18.76 3.00 -1.57
C ASP A 98 -18.95 2.47 -0.15
N ASN A 99 -19.96 1.62 0.02
CA ASN A 99 -20.23 1.04 1.32
C ASN A 99 -19.49 -0.29 1.56
N ALA A 100 -18.88 -0.87 0.52
CA ALA A 100 -18.15 -2.14 0.73
C ALA A 100 -17.13 -1.94 1.85
N ILE A 101 -16.98 -2.96 2.68
CA ILE A 101 -16.05 -2.89 3.80
C ILE A 101 -14.65 -3.31 3.40
N LEU A 103 -10.59 -3.33 4.24
CA LEU A 103 -9.63 -3.23 5.33
C LEU A 103 -8.20 -3.35 4.79
N SER A 104 -7.30 -2.52 5.31
CA SER A 104 -5.91 -2.51 4.89
C SER A 104 -4.99 -2.94 6.03
N ASP A 105 -3.96 -3.72 5.70
CA ASP A 105 -3.01 -4.24 6.68
C ASP A 105 -1.62 -3.61 6.44
N TYR A 106 -1.61 -2.45 5.77
CA TYR A 106 -0.35 -1.77 5.44
C TYR A 106 0.46 -1.30 6.64
N PHE A 107 -0.24 -0.84 7.67
CA PHE A 107 0.38 -0.32 8.87
C PHE A 107 1.34 -1.28 9.57
N ASP A 108 0.88 -2.52 9.74
CA ASP A 108 1.64 -3.53 10.48
C ASP A 108 2.01 -4.82 9.78
N HIS A 109 1.13 -5.27 8.89
CA HIS A 109 1.28 -6.55 8.23
C HIS A 109 0.90 -7.55 9.33
N SER A 110 0.36 -7.05 10.45
CA SER A 110 -0.02 -7.89 11.58
C SER A 110 -1.10 -8.92 11.25
N PHE A 111 -2.09 -8.53 10.46
CA PHE A 111 -3.14 -9.45 10.04
C PHE A 111 -2.48 -10.56 9.25
N GLY A 112 -1.68 -10.19 8.25
CA GLY A 112 -0.98 -11.16 7.44
C GLY A 112 -0.09 -12.07 8.25
N ARG A 113 0.61 -11.53 9.24
CA ARG A 113 1.49 -12.32 10.08
C ARG A 113 0.76 -13.25 11.02
N ASP A 114 -0.29 -12.74 11.66
CA ASP A 114 -1.10 -13.53 12.59
C ASP A 114 -1.79 -14.69 11.87
N TYR A 115 -2.32 -14.42 10.68
CA TYR A 115 -3.00 -15.44 9.90
C TYR A 115 -2.04 -16.24 9.03
N ALA A 116 -0.76 -15.85 9.00
CA ALA A 116 0.20 -16.56 8.18
C ALA A 116 -0.25 -16.47 6.70
N LEU A 117 -0.65 -15.27 6.29
CA LEU A 117 -1.08 -15.03 4.91
C LEU A 117 -0.11 -14.07 4.24
N LEU A 118 0.84 -13.57 5.02
CA LEU A 118 1.83 -12.66 4.49
C LEU A 118 2.87 -13.50 3.72
N ILE A 119 2.90 -13.34 2.41
CA ILE A 119 3.85 -14.06 1.56
C ILE A 119 5.24 -13.56 1.92
N ASN A 120 6.13 -14.46 2.35
CA ASN A 120 7.48 -14.04 2.73
C ASN A 120 8.25 -13.33 1.63
N GLU A 121 8.04 -13.78 0.39
CA GLU A 121 8.76 -13.23 -0.76
C GLU A 121 8.25 -11.88 -1.28
N TRP A 122 7.02 -11.52 -0.97
CA TRP A 122 6.47 -10.25 -1.47
C TRP A 122 5.76 -9.37 -0.45
N HIS A 123 5.45 -9.93 0.72
CA HIS A 123 4.75 -9.17 1.75
C HIS A 123 3.41 -8.64 1.27
N LEU A 124 2.72 -9.43 0.45
CA LEU A 124 1.39 -9.08 0.00
C LEU A 124 0.61 -10.23 0.64
N LEU A 125 -0.72 -10.09 0.72
CA LEU A 125 -1.52 -11.14 1.32
C LEU A 125 -1.92 -12.16 0.26
N ALA A 126 -1.77 -13.45 0.58
CA ALA A 126 -2.14 -14.53 -0.35
C ALA A 126 -3.65 -14.61 -0.48
N ARG A 127 -4.15 -15.01 -1.64
CA ARG A 127 -5.59 -15.11 -1.87
C ARG A 127 -6.23 -16.17 -0.99
N ALA A 128 -7.27 -15.78 -0.24
CA ALA A 128 -7.95 -16.74 0.63
C ALA A 128 -9.37 -16.30 0.91
N VAL A 129 -10.20 -17.22 1.40
CA VAL A 129 -11.58 -16.91 1.73
C VAL A 129 -12.00 -17.69 2.96
N PHE A 130 -12.53 -16.97 3.94
CA PHE A 130 -12.99 -17.58 5.18
C PHE A 130 -14.46 -17.28 5.35
N VAL A 131 -15.15 -18.18 6.05
CA VAL A 131 -16.56 -18.00 6.35
C VAL A 131 -16.67 -18.34 7.82
N LEU A 132 -16.79 -17.29 8.65
CA LEU A 132 -16.88 -17.46 10.10
C LEU A 132 -18.33 -17.37 10.58
N ASP A 133 -18.64 -18.10 11.64
CA ASP A 133 -19.98 -18.08 12.24
C ASP A 133 -20.00 -16.88 13.19
N THR A 134 -21.06 -16.76 13.99
CA THR A 134 -21.17 -15.65 14.93
C THR A 134 -20.10 -15.67 16.02
N ASP A 135 -19.71 -16.86 16.45
CA ASP A 135 -18.70 -16.99 17.49
C ASP A 135 -17.31 -16.82 16.91
N ASN A 136 -17.27 -16.39 15.64
CA ASN A 136 -16.02 -16.19 14.92
C ASN A 136 -15.24 -17.48 14.67
N THR A 137 -15.96 -18.60 14.68
CA THR A 137 -15.34 -19.88 14.43
C THR A 137 -15.35 -20.12 12.91
N ILE A 138 -14.20 -20.54 12.37
CA ILE A 138 -14.08 -20.79 10.94
C ILE A 138 -14.77 -22.08 10.53
N ARG A 139 -15.83 -21.92 9.74
CA ARG A 139 -16.62 -23.04 9.25
C ARG A 139 -16.26 -23.41 7.81
N TYR A 140 -15.51 -22.54 7.16
CA TYR A 140 -15.08 -22.74 5.78
C TYR A 140 -13.81 -21.93 5.49
N VAL A 141 -12.87 -22.55 4.76
CA VAL A 141 -11.65 -21.87 4.36
C VAL A 141 -11.20 -22.36 3.01
N GLU A 142 -10.54 -21.49 2.26
CA GLU A 142 -10.00 -21.84 0.96
C GLU A 142 -8.72 -21.06 0.73
N TYR A 143 -7.61 -21.77 0.63
CA TYR A 143 -6.33 -21.14 0.34
C TYR A 143 -6.03 -21.44 -1.12
N VAL A 144 -6.39 -20.53 -2.00
CA VAL A 144 -6.15 -20.71 -3.43
C VAL A 144 -4.65 -20.95 -3.65
N ASP A 145 -4.30 -22.14 -4.17
CA ASP A 145 -2.88 -22.49 -4.41
C ASP A 145 -2.23 -21.59 -5.46
N ASN A 146 -2.91 -21.44 -6.59
CA ASN A 146 -2.45 -20.58 -7.66
C ASN A 146 -3.09 -19.22 -7.40
N ILE A 147 -2.38 -18.38 -6.65
CA ILE A 147 -2.88 -17.05 -6.30
C ILE A 147 -3.28 -16.23 -7.54
N ASN A 148 -2.67 -16.51 -8.67
CA ASN A 148 -2.98 -15.79 -9.90
C ASN A 148 -4.23 -16.35 -10.59
N SER A 149 -5.16 -16.91 -9.82
CA SER A 149 -6.39 -17.43 -10.39
C SER A 149 -7.52 -17.14 -9.41
N GLU A 150 -8.76 -17.12 -9.91
CA GLU A 150 -9.93 -16.83 -9.08
C GLU A 150 -10.19 -17.88 -8.02
N PRO A 151 -10.85 -17.48 -6.92
CA PRO A 151 -11.16 -18.41 -5.83
C PRO A 151 -12.41 -19.23 -6.19
N ASN A 152 -12.88 -20.05 -5.25
CA ASN A 152 -14.06 -20.85 -5.49
C ASN A 152 -15.25 -20.07 -4.91
N PHE A 153 -15.95 -19.32 -5.76
CA PHE A 153 -17.09 -18.54 -5.29
C PHE A 153 -18.24 -19.43 -4.81
N GLU A 154 -18.62 -20.39 -5.62
CA GLU A 154 -19.72 -21.32 -5.30
C GLU A 154 -19.65 -21.88 -3.88
N ALA A 155 -18.60 -22.64 -3.60
CA ALA A 155 -18.42 -23.24 -2.30
C ALA A 155 -18.53 -22.20 -1.21
N ALA A 156 -17.76 -21.14 -1.35
CA ALA A 156 -17.74 -20.04 -0.37
C ALA A 156 -19.15 -19.54 -0.07
N ILE A 157 -19.87 -19.12 -1.11
CA ILE A 157 -21.23 -18.62 -0.93
C ILE A 157 -22.17 -19.69 -0.37
N ALA A 158 -22.14 -20.89 -0.92
CA ALA A 158 -22.99 -21.99 -0.45
C ALA A 158 -22.76 -22.21 1.06
N ALA A 159 -21.51 -22.09 1.48
CA ALA A 159 -21.15 -22.25 2.88
C ALA A 159 -21.73 -21.08 3.67
N ALA A 160 -21.58 -19.87 3.14
CA ALA A 160 -22.10 -18.69 3.81
C ALA A 160 -23.62 -18.75 3.89
N LYS A 161 -24.25 -19.33 2.87
CA LYS A 161 -25.70 -19.45 2.86
C LYS A 161 -26.22 -20.46 3.87
N ALA A 162 -25.57 -21.62 3.93
CA ALA A 162 -25.99 -22.66 4.87
C ALA A 162 -25.91 -22.13 6.30
N LEU A 163 -25.01 -21.16 6.52
CA LEU A 163 -24.84 -20.56 7.84
C LEU A 163 -25.62 -19.24 7.93
N VAL B 2 5.44 19.19 12.58
CA VAL B 2 4.82 18.68 11.36
C VAL B 2 3.41 18.19 11.66
N THR B 3 2.46 18.54 10.78
CA THR B 3 1.07 18.15 10.96
C THR B 3 0.56 17.31 9.81
N PHE B 4 -0.44 16.49 10.09
CA PHE B 4 -1.04 15.63 9.09
C PHE B 4 -2.50 15.40 9.46
N LEU B 5 -3.39 15.83 8.57
CA LEU B 5 -4.83 15.71 8.80
C LEU B 5 -5.18 16.66 9.96
N GLY B 6 -4.56 17.83 9.93
CA GLY B 6 -4.81 18.83 10.96
C GLY B 6 -4.14 18.64 12.31
N ASN B 7 -3.70 17.43 12.64
CA ASN B 7 -3.06 17.26 13.94
C ASN B 7 -1.56 17.02 13.84
N PRO B 8 -0.81 17.45 14.87
CA PRO B 8 0.64 17.30 14.92
C PRO B 8 1.09 15.85 14.85
N VAL B 9 2.25 15.64 14.27
CA VAL B 9 2.81 14.30 14.10
C VAL B 9 4.30 14.28 14.36
N SER B 10 4.80 13.12 14.75
CA SER B 10 6.20 12.95 15.05
C SER B 10 6.83 11.80 14.26
N PHE B 11 8.15 11.67 14.38
CA PHE B 11 8.91 10.62 13.70
C PHE B 11 9.89 10.01 14.69
N THR B 12 10.60 8.95 14.28
CA THR B 12 11.58 8.32 15.14
C THR B 12 12.96 8.41 14.52
N GLY B 13 13.90 8.97 15.27
CA GLY B 13 15.25 9.14 14.77
C GLY B 13 15.46 10.54 14.23
N LYS B 14 16.58 10.77 13.54
CA LYS B 14 16.89 12.08 13.00
C LYS B 14 16.77 12.14 11.48
N GLN B 15 16.16 13.21 10.96
CA GLN B 15 16.04 13.34 9.52
C GLN B 15 17.34 13.90 8.96
N LEU B 16 17.65 13.51 7.72
CA LEU B 16 18.88 13.95 7.05
C LEU B 16 18.82 15.44 6.74
N GLN B 17 19.98 16.09 6.76
CA GLN B 17 20.06 17.51 6.47
C GLN B 17 21.04 17.77 5.32
N VAL B 18 20.87 18.89 4.64
CA VAL B 18 21.75 19.27 3.53
C VAL B 18 23.21 19.01 3.94
N GLY B 19 24.00 18.46 3.04
CA GLY B 19 25.39 18.18 3.37
C GLY B 19 25.56 16.72 3.71
N ASP B 20 24.48 16.09 4.17
CA ASP B 20 24.51 14.67 4.52
C ASP B 20 24.45 13.80 3.28
N LYS B 21 24.85 12.55 3.43
CA LYS B 21 24.82 11.61 2.32
C LYS B 21 23.47 10.90 2.37
N ALA B 22 22.82 10.77 1.22
CA ALA B 22 21.53 10.10 1.14
C ALA B 22 21.74 8.61 1.46
N LEU B 23 20.94 8.05 2.37
CA LEU B 23 21.04 6.64 2.75
C LEU B 23 20.55 5.73 1.62
N ASP B 24 21.11 4.53 1.52
CA ASP B 24 20.70 3.60 0.47
C ASP B 24 19.29 3.08 0.78
N PHE B 25 18.76 2.25 -0.10
CA PHE B 25 17.42 1.69 0.07
C PHE B 25 17.15 0.63 -1.00
N SER B 26 16.16 -0.22 -0.77
CA SER B 26 15.78 -1.23 -1.74
C SER B 26 14.26 -1.14 -1.84
N LEU B 27 13.80 -0.36 -2.81
CA LEU B 27 12.37 -0.18 -3.00
C LEU B 27 11.90 -0.96 -4.22
N THR B 28 10.61 -1.30 -4.23
CA THR B 28 10.02 -2.06 -5.32
C THR B 28 9.44 -1.12 -6.37
N THR B 29 9.87 -1.30 -7.61
CA THR B 29 9.37 -0.44 -8.67
C THR B 29 8.07 -0.97 -9.29
N THR B 30 7.54 -0.24 -10.26
CA THR B 30 6.28 -0.62 -10.88
C THR B 30 6.27 -1.96 -11.60
N ASP B 31 7.43 -2.48 -11.95
CA ASP B 31 7.50 -3.76 -12.66
C ASP B 31 7.76 -4.87 -11.63
N LEU B 32 7.68 -4.49 -10.36
CA LEU B 32 7.89 -5.38 -9.21
C LEU B 32 9.35 -5.71 -8.89
N SER B 33 10.30 -5.14 -9.63
CA SER B 33 11.70 -5.41 -9.34
C SER B 33 12.13 -4.45 -8.23
N LYS B 34 13.37 -4.61 -7.76
CA LYS B 34 13.89 -3.78 -6.69
C LYS B 34 15.02 -2.86 -7.15
N LYS B 35 14.96 -1.59 -6.72
CA LYS B 35 15.98 -0.60 -7.07
C LYS B 35 16.65 -0.05 -5.83
N SER B 36 17.90 0.35 -5.98
CA SER B 36 18.67 0.93 -4.89
C SER B 36 19.40 2.14 -5.42
N LEU B 37 20.14 2.82 -4.54
CA LEU B 37 20.88 4.01 -4.93
C LEU B 37 21.81 3.62 -6.10
N ALA B 38 22.44 2.47 -5.98
CA ALA B 38 23.34 1.99 -7.01
C ALA B 38 22.73 1.99 -8.43
N ASP B 39 21.41 1.80 -8.52
CA ASP B 39 20.73 1.76 -9.81
C ASP B 39 20.59 3.09 -10.55
N PHE B 40 20.97 4.17 -9.89
CA PHE B 40 20.88 5.50 -10.51
C PHE B 40 22.23 6.17 -10.37
N ASP B 41 23.27 5.35 -10.42
CA ASP B 41 24.66 5.77 -10.28
C ASP B 41 25.09 6.81 -11.34
N GLY B 42 25.83 7.81 -10.88
CA GLY B 42 26.32 8.85 -11.77
C GLY B 42 25.28 9.82 -12.28
N LYS B 43 24.16 9.95 -11.57
CA LYS B 43 23.13 10.88 -12.02
C LYS B 43 22.65 11.76 -10.88
N LYS B 44 22.00 12.87 -11.24
CA LYS B 44 21.45 13.76 -10.23
C LYS B 44 20.09 13.14 -9.93
N LYS B 45 19.63 13.30 -8.71
CA LYS B 45 18.35 12.73 -8.32
C LYS B 45 17.48 13.70 -7.54
N VAL B 46 16.19 13.69 -7.86
CA VAL B 46 15.25 14.53 -7.17
C VAL B 46 14.34 13.60 -6.38
N LEU B 47 14.67 13.39 -5.11
CA LEU B 47 13.90 12.52 -4.25
C LEU B 47 12.61 13.22 -3.78
N SER B 48 11.46 12.80 -4.29
CA SER B 48 10.19 13.38 -3.86
C SER B 48 9.42 12.29 -3.13
N VAL B 49 9.24 12.49 -1.83
CA VAL B 49 8.54 11.54 -0.98
C VAL B 49 7.13 12.03 -0.76
N VAL B 50 6.15 11.16 -0.91
CA VAL B 50 4.78 11.58 -0.72
C VAL B 50 3.96 10.61 0.15
N PRO B 51 2.89 11.12 0.78
CA PRO B 51 2.03 10.28 1.62
C PRO B 51 1.38 9.17 0.78
N SER B 52 0.82 9.56 -0.37
CA SER B 52 0.15 8.62 -1.29
C SER B 52 -0.34 9.25 -2.60
N ILE B 53 0.11 8.70 -3.74
CA ILE B 53 -0.32 9.24 -5.03
C ILE B 53 -1.82 9.17 -5.29
N ASP B 54 -2.54 8.42 -4.46
CA ASP B 54 -3.98 8.36 -4.63
C ASP B 54 -4.64 9.53 -3.91
N THR B 55 -3.89 10.61 -3.69
CA THR B 55 -4.44 11.82 -3.07
C THR B 55 -4.04 13.07 -3.91
N GLY B 56 -4.88 14.09 -3.84
CA GLY B 56 -4.68 15.30 -4.63
C GLY B 56 -3.30 15.91 -4.76
N ILE B 57 -2.81 16.44 -3.65
CA ILE B 57 -1.52 17.08 -3.60
C ILE B 57 -0.40 16.16 -4.09
N CYS B 58 -0.38 14.94 -3.57
CA CYS B 58 0.64 13.99 -3.95
C CYS B 58 0.70 13.76 -5.47
N SER B 59 -0.47 13.66 -6.09
CA SER B 59 -0.59 13.46 -7.53
C SER B 59 0.04 14.64 -8.26
N THR B 60 -0.41 15.84 -7.90
CA THR B 60 0.10 17.07 -8.49
C THR B 60 1.61 17.16 -8.37
N GLN B 61 2.12 16.85 -7.17
CA GLN B 61 3.56 16.92 -6.92
C GLN B 61 4.37 16.02 -7.83
N THR B 62 3.91 14.78 -7.96
CA THR B 62 4.59 13.77 -8.76
C THR B 62 4.53 14.13 -10.23
N ARG B 63 3.42 14.74 -10.61
CA ARG B 63 3.23 15.15 -12.00
C ARG B 63 4.09 16.38 -12.29
N ARG B 64 4.12 17.31 -11.37
CA ARG B 64 4.90 18.53 -11.57
C ARG B 64 6.40 18.27 -11.77
N PHE B 65 7.03 17.67 -10.76
CA PHE B 65 8.46 17.41 -10.85
C PHE B 65 8.82 16.62 -12.10
N ASN B 66 8.03 15.62 -12.43
CA ASN B 66 8.30 14.81 -13.61
C ASN B 66 8.28 15.63 -14.91
N GLU B 67 7.27 16.49 -15.06
CA GLU B 67 7.16 17.33 -16.26
C GLU B 67 8.23 18.40 -16.29
N GLU B 68 8.26 19.21 -15.24
CA GLU B 68 9.21 20.32 -15.09
C GLU B 68 10.67 19.89 -15.27
N LEU B 69 11.11 18.95 -14.45
CA LEU B 69 12.49 18.47 -14.51
C LEU B 69 12.68 17.40 -15.58
N ALA B 70 11.77 17.40 -16.55
CA ALA B 70 11.88 16.42 -17.63
C ALA B 70 12.94 16.88 -18.60
N GLY B 71 13.69 15.91 -19.12
CA GLY B 71 14.73 16.22 -20.07
C GLY B 71 16.04 16.60 -19.39
N LEU B 72 15.97 17.19 -18.20
CA LEU B 72 17.19 17.57 -17.50
C LEU B 72 18.19 16.42 -17.62
N ASP B 73 19.25 16.66 -18.38
CA ASP B 73 20.28 15.66 -18.63
C ASP B 73 20.87 15.14 -17.32
N ASN B 74 21.09 13.83 -17.26
CA ASN B 74 21.66 13.18 -16.10
C ASN B 74 20.94 13.50 -14.79
N THR B 75 19.61 13.54 -14.84
CA THR B 75 18.81 13.84 -13.66
C THR B 75 17.55 13.00 -13.63
N VAL B 76 17.32 12.32 -12.50
CA VAL B 76 16.12 11.49 -12.34
C VAL B 76 15.29 11.90 -11.14
N VAL B 77 13.99 11.93 -11.34
CA VAL B 77 13.06 12.27 -10.27
C VAL B 77 12.45 10.96 -9.76
N LEU B 78 12.94 10.52 -8.60
CA LEU B 78 12.50 9.28 -7.97
C LEU B 78 11.36 9.53 -7.00
N THR B 79 10.18 8.99 -7.30
CA THR B 79 9.03 9.16 -6.42
C THR B 79 8.92 8.00 -5.43
N VAL B 80 8.83 8.31 -4.14
CA VAL B 80 8.74 7.27 -3.12
C VAL B 80 7.47 7.39 -2.27
N SER B 81 6.71 6.30 -2.16
CA SER B 81 5.50 6.30 -1.35
C SER B 81 5.25 4.93 -0.75
N ASP B 83 2.46 3.59 -1.27
CA ASP B 83 1.51 3.03 -2.20
C ASP B 83 2.07 1.73 -2.75
N LEU B 84 1.19 0.75 -2.95
CA LEU B 84 1.61 -0.52 -3.52
C LEU B 84 2.08 -0.21 -4.95
N PRO B 85 2.95 -1.07 -5.52
CA PRO B 85 3.44 -0.86 -6.88
C PRO B 85 2.28 -0.76 -7.86
N PHE B 86 1.27 -1.58 -7.65
CA PHE B 86 0.10 -1.61 -8.51
C PHE B 86 -0.58 -0.23 -8.51
N ALA B 87 -0.65 0.42 -7.36
CA ALA B 87 -1.26 1.75 -7.26
C ALA B 87 -0.44 2.75 -8.05
N GLN B 88 0.88 2.69 -7.87
CA GLN B 88 1.77 3.60 -8.56
C GLN B 88 1.69 3.36 -10.08
N LYS B 89 1.65 2.10 -10.50
CA LYS B 89 1.58 1.82 -11.94
C LYS B 89 0.26 2.30 -12.54
N ARG B 90 -0.83 2.03 -11.84
CA ARG B 90 -2.16 2.45 -12.30
C ARG B 90 -2.18 3.97 -12.45
N TRP B 91 -1.68 4.67 -11.44
CA TRP B 91 -1.65 6.12 -11.49
C TRP B 91 -0.86 6.59 -12.71
N CYS B 92 0.31 6.00 -12.95
CA CYS B 92 1.15 6.38 -14.09
C CYS B 92 0.41 6.30 -15.42
N GLY B 93 -0.36 5.24 -15.61
CA GLY B 93 -1.09 5.07 -16.86
C GLY B 93 -2.23 6.06 -17.01
N ALA B 94 -2.88 6.38 -15.90
CA ALA B 94 -3.99 7.32 -15.92
C ALA B 94 -3.53 8.74 -16.15
N GLU B 95 -2.32 9.05 -15.74
CA GLU B 95 -1.76 10.39 -15.89
C GLU B 95 -0.91 10.56 -17.13
N GLY B 96 -0.66 9.47 -17.85
CA GLY B 96 0.15 9.56 -19.05
C GLY B 96 1.61 9.77 -18.70
N LEU B 97 2.05 9.17 -17.59
CA LEU B 97 3.45 9.29 -17.16
C LEU B 97 4.01 7.88 -17.02
N ASP B 98 3.94 7.12 -18.10
CA ASP B 98 4.41 5.74 -18.12
C ASP B 98 5.91 5.53 -17.90
N ASN B 99 6.71 6.52 -18.27
CA ASN B 99 8.16 6.38 -18.10
C ASN B 99 8.62 6.88 -16.73
N ALA B 100 7.69 7.46 -15.96
CA ALA B 100 8.00 7.99 -14.62
C ALA B 100 8.49 6.90 -13.66
N ILE B 101 9.47 7.26 -12.82
CA ILE B 101 10.06 6.31 -11.88
C ILE B 101 9.36 6.32 -10.50
N LEU B 103 8.68 4.30 -6.84
CA LEU B 103 9.24 3.30 -5.94
C LEU B 103 8.36 3.19 -4.70
N SER B 104 8.06 1.95 -4.29
CA SER B 104 7.22 1.70 -3.13
C SER B 104 8.01 1.21 -1.93
N ASP B 105 7.56 1.58 -0.73
CA ASP B 105 8.23 1.20 0.51
C ASP B 105 7.34 0.26 1.34
N TYR B 106 6.27 -0.22 0.71
CA TYR B 106 5.31 -1.10 1.36
C TYR B 106 5.92 -2.32 2.03
N PHE B 107 6.93 -2.89 1.40
CA PHE B 107 7.59 -4.11 1.89
C PHE B 107 8.20 -4.07 3.29
N ASP B 108 9.21 -3.21 3.44
CA ASP B 108 9.98 -3.08 4.68
C ASP B 108 9.67 -1.85 5.53
N HIS B 109 9.23 -0.76 4.90
CA HIS B 109 9.00 0.50 5.60
C HIS B 109 10.42 0.94 5.96
N SER B 110 11.41 0.24 5.39
CA SER B 110 12.82 0.52 5.65
C SER B 110 13.23 1.94 5.26
N PHE B 111 12.83 2.39 4.08
CA PHE B 111 13.19 3.75 3.65
C PHE B 111 12.67 4.74 4.71
N GLY B 112 11.37 4.71 4.96
CA GLY B 112 10.78 5.61 5.93
C GLY B 112 11.46 5.65 7.27
N ARG B 113 11.72 4.50 7.87
CA ARG B 113 12.36 4.53 9.17
C ARG B 113 13.84 4.89 9.09
N ASP B 114 14.48 4.60 7.95
CA ASP B 114 15.90 4.96 7.80
C ASP B 114 16.07 6.46 7.59
N TYR B 115 15.14 7.06 6.85
CA TYR B 115 15.19 8.50 6.59
C TYR B 115 14.39 9.26 7.65
N ALA B 116 13.83 8.52 8.61
CA ALA B 116 13.02 9.12 9.67
C ALA B 116 11.85 9.91 9.07
N LEU B 117 11.29 9.39 7.98
CA LEU B 117 10.14 10.00 7.29
C LEU B 117 8.86 9.20 7.53
N LEU B 118 9.00 8.06 8.20
CA LEU B 118 7.87 7.20 8.52
C LEU B 118 7.10 7.84 9.69
N ILE B 119 5.92 8.37 9.39
CA ILE B 119 5.08 9.02 10.39
C ILE B 119 4.70 8.01 11.48
N ASN B 120 5.09 8.27 12.72
CA ASN B 120 4.78 7.35 13.80
C ASN B 120 3.29 7.03 13.96
N GLU B 121 2.45 8.04 13.79
CA GLU B 121 1.01 7.87 13.96
C GLU B 121 0.32 7.17 12.78
N TRP B 122 0.88 7.34 11.58
CA TRP B 122 0.27 6.75 10.39
C TRP B 122 1.06 5.72 9.58
N HIS B 123 2.36 5.63 9.80
CA HIS B 123 3.15 4.69 9.04
C HIS B 123 3.02 4.99 7.53
N LEU B 124 2.96 6.28 7.20
CA LEU B 124 2.92 6.71 5.82
C LEU B 124 4.15 7.60 5.73
N LEU B 125 4.51 7.99 4.52
CA LEU B 125 5.68 8.83 4.32
C LEU B 125 5.34 10.30 4.28
N ALA B 126 6.02 11.10 5.10
CA ALA B 126 5.81 12.54 5.15
C ALA B 126 6.26 13.15 3.83
N ARG B 127 5.69 14.30 3.45
CA ARG B 127 6.05 14.96 2.21
C ARG B 127 7.41 15.65 2.36
N ALA B 128 8.36 15.32 1.49
CA ALA B 128 9.68 15.92 1.55
C ALA B 128 10.27 15.92 0.14
N VAL B 129 11.24 16.79 -0.10
CA VAL B 129 11.89 16.87 -1.41
C VAL B 129 13.40 16.96 -1.24
N PHE B 130 14.11 16.07 -1.91
CA PHE B 130 15.56 16.08 -1.84
C PHE B 130 16.13 16.29 -3.24
N VAL B 131 17.29 16.92 -3.29
CA VAL B 131 18.02 17.13 -4.53
C VAL B 131 19.41 16.61 -4.17
N LEU B 132 19.72 15.42 -4.67
CA LEU B 132 20.99 14.77 -4.40
C LEU B 132 22.02 15.03 -5.48
N ASP B 133 23.27 15.06 -5.03
CA ASP B 133 24.44 15.29 -5.89
C ASP B 133 24.76 13.99 -6.62
N THR B 134 25.70 14.02 -7.56
CA THR B 134 26.07 12.81 -8.27
C THR B 134 26.74 11.83 -7.29
N ASP B 135 27.31 12.39 -6.22
CA ASP B 135 27.98 11.60 -5.19
C ASP B 135 26.95 11.25 -4.11
N ASN B 136 25.70 11.57 -4.41
CA ASN B 136 24.55 11.34 -3.53
C ASN B 136 24.54 12.21 -2.30
N THR B 137 25.12 13.41 -2.42
CA THR B 137 25.12 14.33 -1.30
C THR B 137 23.87 15.18 -1.39
N ILE B 138 23.23 15.44 -0.26
CA ILE B 138 22.02 16.25 -0.23
C ILE B 138 22.44 17.71 -0.33
N ARG B 139 22.15 18.31 -1.49
CA ARG B 139 22.49 19.69 -1.76
C ARG B 139 21.30 20.59 -1.42
N TYR B 140 20.14 19.96 -1.28
CA TYR B 140 18.92 20.67 -0.96
C TYR B 140 17.85 19.70 -0.41
N VAL B 141 17.14 20.13 0.62
CA VAL B 141 16.07 19.31 1.19
C VAL B 141 14.98 20.16 1.85
N GLU B 142 13.75 19.73 1.63
CA GLU B 142 12.60 20.39 2.20
C GLU B 142 11.62 19.39 2.80
N TYR B 143 11.25 19.64 4.05
CA TYR B 143 10.29 18.80 4.75
C TYR B 143 9.06 19.69 4.93
N VAL B 144 8.01 19.44 4.15
CA VAL B 144 6.80 20.26 4.24
C VAL B 144 6.19 20.13 5.65
N ASP B 145 6.16 21.24 6.37
CA ASP B 145 5.62 21.24 7.74
C ASP B 145 4.20 20.76 7.80
N ASN B 146 3.40 21.20 6.84
CA ASN B 146 2.02 20.79 6.73
C ASN B 146 2.00 19.79 5.58
N ILE B 147 2.11 18.51 5.93
CA ILE B 147 2.11 17.43 4.97
C ILE B 147 0.94 17.51 4.02
N ASN B 148 -0.16 18.09 4.49
CA ASN B 148 -1.35 18.24 3.67
C ASN B 148 -1.29 19.49 2.81
N SER B 149 -0.09 19.95 2.48
CA SER B 149 0.04 21.14 1.64
C SER B 149 1.13 20.86 0.61
N GLU B 150 1.16 21.64 -0.45
CA GLU B 150 2.17 21.41 -1.48
C GLU B 150 3.53 21.99 -1.10
N PRO B 151 4.60 21.40 -1.64
CA PRO B 151 5.95 21.86 -1.35
C PRO B 151 6.33 23.06 -2.20
N ASN B 152 7.57 23.52 -2.02
CA ASN B 152 8.07 24.65 -2.76
C ASN B 152 8.68 24.14 -4.07
N PHE B 153 7.85 24.02 -5.10
CA PHE B 153 8.31 23.54 -6.41
C PHE B 153 9.43 24.38 -6.97
N GLU B 154 9.22 25.70 -6.94
CA GLU B 154 10.18 26.65 -7.44
C GLU B 154 11.57 26.41 -6.83
N ALA B 155 11.63 26.38 -5.50
CA ALA B 155 12.90 26.18 -4.81
C ALA B 155 13.56 24.85 -5.19
N ALA B 156 12.79 23.77 -5.16
CA ALA B 156 13.36 22.47 -5.51
C ALA B 156 13.81 22.45 -6.97
N ILE B 157 12.93 22.87 -7.87
CA ILE B 157 13.24 22.91 -9.29
C ILE B 157 14.51 23.71 -9.58
N ALA B 158 14.65 24.86 -8.94
CA ALA B 158 15.82 25.69 -9.15
C ALA B 158 17.11 24.98 -8.74
N ALA B 159 17.08 24.29 -7.61
CA ALA B 159 18.26 23.59 -7.15
C ALA B 159 18.73 22.56 -8.19
N ALA B 160 17.81 21.69 -8.63
CA ALA B 160 18.13 20.66 -9.62
C ALA B 160 18.77 21.22 -10.88
N LYS B 161 18.16 22.26 -11.43
CA LYS B 161 18.66 22.89 -12.64
C LYS B 161 20.02 23.53 -12.40
N ALA B 162 20.22 24.07 -11.20
CA ALA B 162 21.47 24.72 -10.82
C ALA B 162 22.58 23.70 -10.58
N LEU B 163 22.21 22.51 -10.14
CA LEU B 163 23.19 21.46 -9.85
C LEU B 163 24.08 21.11 -11.04
#